data_6AFH
#
_entry.id   6AFH
#
_cell.length_a   75.410
_cell.length_b   75.410
_cell.length_c   75.640
_cell.angle_alpha   90.00
_cell.angle_beta   90.00
_cell.angle_gamma   120.00
#
_symmetry.space_group_name_H-M   'P 31 2 1'
#
loop_
_entity.id
_entity.type
_entity.pdbx_description
1 polymer 'Protein/nucleic acid deglycase DJ-1'
2 non-polymer 1-(2-phenylethyl)indole-2,3-dione
3 non-polymer 'CHLORIDE ION'
4 water water
#
_entity_poly.entity_id   1
_entity_poly.type   'polypeptide(L)'
_entity_poly.pdbx_seq_one_letter_code
;MASKRALVILAKGAEEMETVIPVDVMRRAGIKVTVAGLAGKDPVQCSRDVVICPDASLEDAKKEGPYDVVVLPGGNLGAQ
NLSESAAVKEILKEQENRKGLIAAICAGPTALLAHEIGFGSKVTTHPLAKDKMMNGGHYTYSENRVEKDGLILTSRGPGT
SFEFALAIVEALNGKEVAAQVKAPLVLKD
;
_entity_poly.pdbx_strand_id   A
#
loop_
_chem_comp.id
_chem_comp.type
_chem_comp.name
_chem_comp.formula
73F non-polymer 1-(2-phenylethyl)indole-2,3-dione 'C16 H13 N O2'
CL non-polymer 'CHLORIDE ION' 'Cl -1'
#
# COMPACT_ATOMS: atom_id res chain seq x y z
N ALA A 2 19.79 -2.63 10.58
CA ALA A 2 19.62 -2.40 9.11
C ALA A 2 18.22 -1.84 8.81
N SER A 3 18.19 -0.83 7.96
CA SER A 3 16.95 -0.14 7.64
C SER A 3 15.98 -0.97 6.81
N LYS A 4 14.71 -0.91 7.19
CA LYS A 4 13.64 -1.50 6.37
C LYS A 4 13.41 -0.65 5.10
N ARG A 5 12.90 -1.32 4.07
CA ARG A 5 12.72 -0.75 2.76
C ARG A 5 11.26 -0.97 2.34
N ALA A 6 10.68 0.09 1.80
CA ALA A 6 9.29 0.11 1.34
C ALA A 6 9.23 0.46 -0.14
N LEU A 7 8.43 -0.30 -0.89
CA LEU A 7 8.11 0.02 -2.27
C LEU A 7 6.67 0.51 -2.33
N VAL A 8 6.50 1.76 -2.76
CA VAL A 8 5.15 2.34 -2.97
C VAL A 8 4.93 2.48 -4.48
N ILE A 9 3.95 1.74 -4.97
CA ILE A 9 3.63 1.72 -6.40
C ILE A 9 2.63 2.78 -6.79
N LEU A 10 3.12 3.73 -7.60
CA LEU A 10 2.37 4.93 -7.95
C LEU A 10 1.90 4.94 -9.41
N ALA A 11 0.57 4.76 -9.58
CA ALA A 11 -0.10 4.75 -10.86
C ALA A 11 -0.89 6.01 -11.09
N LYS A 12 -1.06 6.35 -12.36
CA LYS A 12 -2.01 7.37 -12.72
C LYS A 12 -3.37 7.12 -12.04
N GLY A 13 -3.92 8.18 -11.44
CA GLY A 13 -5.21 8.14 -10.76
C GLY A 13 -5.13 7.64 -9.32
N ALA A 14 -3.92 7.45 -8.81
CA ALA A 14 -3.74 7.13 -7.37
C ALA A 14 -4.35 8.25 -6.55
N GLU A 15 -4.87 7.89 -5.38
CA GLU A 15 -5.30 8.90 -4.43
C GLU A 15 -4.02 9.48 -3.79
N GLU A 16 -3.81 10.77 -4.02
CA GLU A 16 -2.58 11.40 -3.61
C GLU A 16 -2.40 11.43 -2.08
N MET A 17 -3.49 11.57 -1.33
CA MET A 17 -3.38 11.58 0.14
C MET A 17 -2.91 10.19 0.64
N GLU A 18 -3.45 9.16 0.01
CA GLU A 18 -3.11 7.78 0.38
C GLU A 18 -1.72 7.36 -0.07
N THR A 19 -1.15 8.13 -1.00
CA THR A 19 0.20 7.93 -1.44
C THR A 19 1.17 8.69 -0.51
N VAL A 20 0.89 9.99 -0.35
CA VAL A 20 1.79 10.86 0.41
C VAL A 20 1.86 10.58 1.93
N ILE A 21 0.73 10.27 2.54
CA ILE A 21 0.72 10.08 4.00
C ILE A 21 1.60 8.85 4.35
N PRO A 22 1.39 7.70 3.69
CA PRO A 22 2.29 6.58 4.04
C PRO A 22 3.77 6.83 3.70
N VAL A 23 4.06 7.47 2.57
CA VAL A 23 5.46 7.74 2.19
C VAL A 23 6.11 8.60 3.29
N ASP A 24 5.45 9.67 3.66
CA ASP A 24 5.97 10.62 4.63
C ASP A 24 6.14 9.93 6.01
N VAL A 25 5.06 9.32 6.50
CA VAL A 25 5.11 8.66 7.79
C VAL A 25 6.19 7.56 7.82
N MET A 26 6.31 6.78 6.76
CA MET A 26 7.37 5.72 6.73
C MET A 26 8.77 6.35 6.77
N ARG A 27 8.96 7.44 6.04
CA ARG A 27 10.25 8.15 6.09
C ARG A 27 10.56 8.72 7.48
N ARG A 28 9.52 9.23 8.16
CA ARG A 28 9.67 9.65 9.56
C ARG A 28 10.14 8.51 10.47
N ALA A 29 9.71 7.29 10.13
CA ALA A 29 10.06 6.07 10.89
C ALA A 29 11.45 5.54 10.53
N GLY A 30 12.15 6.21 9.62
CA GLY A 30 13.49 5.76 9.19
C GLY A 30 13.47 4.67 8.13
N ILE A 31 12.32 4.42 7.51
CA ILE A 31 12.20 3.44 6.47
C ILE A 31 12.70 4.09 5.17
N LYS A 32 13.46 3.31 4.41
CA LYS A 32 13.86 3.72 3.07
C LYS A 32 12.74 3.43 2.09
N VAL A 33 12.08 4.49 1.65
CA VAL A 33 10.94 4.39 0.78
C VAL A 33 11.28 4.76 -0.68
N THR A 34 10.87 3.85 -1.57
CA THR A 34 10.89 4.11 -3.00
C THR A 34 9.51 4.30 -3.60
N VAL A 35 9.26 5.54 -4.03
CA VAL A 35 8.07 5.87 -4.79
C VAL A 35 8.31 5.51 -6.27
N ALA A 36 7.67 4.42 -6.68
CA ALA A 36 7.92 3.80 -8.00
C ALA A 36 6.76 4.01 -8.98
N GLY A 37 7.08 4.65 -10.10
CA GLY A 37 6.09 4.96 -11.11
C GLY A 37 5.75 3.71 -11.92
N LEU A 38 4.49 3.32 -11.88
CA LEU A 38 4.00 2.19 -12.67
C LEU A 38 4.36 2.35 -14.16
N ALA A 39 3.99 3.48 -14.74
CA ALA A 39 4.16 3.74 -16.20
C ALA A 39 5.58 4.10 -16.63
N GLY A 40 6.50 4.28 -15.69
CA GLY A 40 7.85 4.74 -16.00
C GLY A 40 8.34 5.81 -15.03
N LYS A 41 9.23 6.67 -15.51
CA LYS A 41 9.99 7.57 -14.63
C LYS A 41 9.34 8.95 -14.50
N ASP A 42 8.34 9.22 -15.34
CA ASP A 42 7.74 10.56 -15.50
C ASP A 42 6.74 10.87 -14.37
N PRO A 43 6.37 12.15 -14.24
CA PRO A 43 5.44 12.56 -13.19
C PRO A 43 4.09 11.90 -13.37
N VAL A 44 3.44 11.66 -12.24
CA VAL A 44 2.16 10.99 -12.18
C VAL A 44 1.07 11.97 -11.73
N GLN A 45 0.03 12.06 -12.54
CA GLN A 45 -1.18 12.82 -12.24
C GLN A 45 -2.09 11.95 -11.40
N CYS A 46 -2.16 12.30 -10.12
CA CYS A 46 -3.03 11.62 -9.18
C CYS A 46 -4.48 12.02 -9.39
N SER A 47 -5.38 11.36 -8.64
CA SER A 47 -6.82 11.48 -8.79
C SER A 47 -7.40 12.90 -8.67
N ARG A 48 -6.83 13.71 -7.80
CA ARG A 48 -7.28 15.09 -7.60
C ARG A 48 -6.25 16.07 -8.18
N ASP A 49 -5.53 15.59 -9.20
CA ASP A 49 -4.67 16.42 -10.04
C ASP A 49 -3.36 16.90 -9.43
N VAL A 50 -3.05 16.43 -8.23
CA VAL A 50 -1.74 16.62 -7.71
C VAL A 50 -0.76 15.77 -8.52
N VAL A 51 0.36 16.37 -8.87
CA VAL A 51 1.38 15.74 -9.71
C VAL A 51 2.63 15.43 -8.90
N ILE A 52 2.90 14.12 -8.79
CA ILE A 52 4.02 13.64 -8.03
C ILE A 52 5.07 13.04 -8.97
N CYS A 53 6.32 13.40 -8.73
CA CYS A 53 7.47 12.86 -9.45
C CYS A 53 8.03 11.66 -8.70
N PRO A 54 7.91 10.44 -9.29
CA PRO A 54 8.43 9.25 -8.64
C PRO A 54 9.95 9.26 -8.51
N ASP A 55 10.44 8.53 -7.52
CA ASP A 55 11.84 8.37 -7.30
C ASP A 55 12.48 7.57 -8.44
N ALA A 56 11.70 6.69 -9.03
CA ALA A 56 12.14 5.74 -10.06
C ALA A 56 10.92 5.16 -10.77
N SER A 57 11.17 4.51 -11.90
CA SER A 57 10.23 3.62 -12.55
C SER A 57 10.11 2.35 -11.71
N LEU A 58 8.95 1.71 -11.83
CA LEU A 58 8.75 0.42 -11.20
C LEU A 58 9.75 -0.61 -11.74
N GLU A 59 9.99 -0.54 -13.05
CA GLU A 59 10.94 -1.47 -13.70
C GLU A 59 12.30 -1.38 -13.03
N ASP A 60 12.76 -0.15 -12.76
CA ASP A 60 14.05 0.06 -12.11
C ASP A 60 14.02 -0.33 -10.62
N ALA A 61 12.94 0.04 -9.90
CA ALA A 61 12.85 -0.26 -8.48
C ALA A 61 12.81 -1.76 -8.20
N LYS A 62 12.16 -2.51 -9.10
CA LYS A 62 12.10 -3.97 -8.99
C LYS A 62 13.50 -4.61 -8.92
N LYS A 63 14.46 -4.01 -9.62
CA LYS A 63 15.83 -4.53 -9.66
C LYS A 63 16.52 -4.42 -8.31
N GLU A 64 16.05 -3.47 -7.49
CA GLU A 64 16.61 -3.23 -6.18
C GLU A 64 15.84 -3.99 -5.10
N GLY A 65 14.88 -4.83 -5.52
CA GLY A 65 14.10 -5.63 -4.57
C GLY A 65 14.91 -6.78 -3.99
N PRO A 66 14.28 -7.56 -3.10
CA PRO A 66 12.90 -7.32 -2.61
C PRO A 66 12.83 -6.30 -1.44
N TYR A 67 11.59 -5.99 -1.05
CA TYR A 67 11.27 -4.95 -0.06
C TYR A 67 10.57 -5.54 1.16
N ASP A 68 10.69 -4.88 2.31
CA ASP A 68 10.06 -5.33 3.53
C ASP A 68 8.54 -5.11 3.51
N VAL A 69 8.11 -4.13 2.72
CA VAL A 69 6.68 -3.90 2.45
C VAL A 69 6.47 -3.39 1.01
N VAL A 70 5.42 -3.90 0.39
CA VAL A 70 4.91 -3.36 -0.85
C VAL A 70 3.57 -2.69 -0.53
N VAL A 71 3.49 -1.40 -0.92
CA VAL A 71 2.35 -0.53 -0.62
C VAL A 71 1.57 -0.14 -1.87
N LEU A 72 0.25 -0.40 -1.80
CA LEU A 72 -0.66 -0.08 -2.87
C LEU A 72 -1.65 0.99 -2.40
N PRO A 73 -1.42 2.25 -2.83
CA PRO A 73 -2.43 3.29 -2.61
C PRO A 73 -3.75 2.96 -3.31
N GLY A 74 -4.82 3.69 -2.93
CA GLY A 74 -6.08 3.53 -3.59
C GLY A 74 -6.31 4.60 -4.65
N GLY A 75 -7.56 5.05 -4.74
CA GLY A 75 -8.01 5.79 -5.91
C GLY A 75 -8.57 4.75 -6.89
N ASN A 76 -9.80 4.98 -7.40
CA ASN A 76 -10.47 3.95 -8.22
C ASN A 76 -9.63 3.66 -9.48
N LEU A 77 -9.20 4.72 -10.15
CA LEU A 77 -8.49 4.58 -11.41
C LEU A 77 -7.03 4.13 -11.18
N GLY A 78 -6.40 4.56 -10.08
CA GLY A 78 -5.10 4.05 -9.69
C GLY A 78 -5.12 2.55 -9.41
N ALA A 79 -6.13 2.10 -8.66
CA ALA A 79 -6.24 0.67 -8.32
C ALA A 79 -6.53 -0.17 -9.54
N GLN A 80 -7.34 0.36 -10.46
CA GLN A 80 -7.60 -0.35 -11.71
CA GLN A 80 -7.59 -0.35 -11.72
C GLN A 80 -6.30 -0.53 -12.50
N ASN A 81 -5.46 0.51 -12.54
CA ASN A 81 -4.16 0.42 -13.22
C ASN A 81 -3.25 -0.60 -12.54
N LEU A 82 -3.21 -0.61 -11.22
CA LEU A 82 -2.44 -1.64 -10.50
C LEU A 82 -2.97 -3.07 -10.76
N SER A 83 -4.29 -3.17 -10.82
CA SER A 83 -5.01 -4.44 -11.05
C SER A 83 -4.73 -5.07 -12.42
N GLU A 84 -4.57 -4.20 -13.41
CA GLU A 84 -4.29 -4.58 -14.79
C GLU A 84 -2.83 -4.84 -15.11
N SER A 85 -1.92 -4.58 -14.16
CA SER A 85 -0.48 -4.65 -14.42
C SER A 85 0.14 -6.02 -14.16
N ALA A 86 0.73 -6.59 -15.21
CA ALA A 86 1.51 -7.81 -15.08
C ALA A 86 2.74 -7.62 -14.17
N ALA A 87 3.40 -6.46 -14.25
CA ALA A 87 4.52 -6.15 -13.36
C ALA A 87 4.11 -6.18 -11.89
N VAL A 88 2.96 -5.58 -11.58
CA VAL A 88 2.43 -5.62 -10.21
C VAL A 88 2.12 -7.04 -9.79
N LYS A 89 1.51 -7.81 -10.69
CA LYS A 89 1.21 -9.22 -10.38
C LYS A 89 2.47 -9.94 -9.91
N GLU A 90 3.55 -9.78 -10.66
CA GLU A 90 4.82 -10.46 -10.39
C GLU A 90 5.41 -10.03 -9.04
N ILE A 91 5.40 -8.72 -8.81
CA ILE A 91 5.88 -8.18 -7.55
C ILE A 91 5.11 -8.72 -6.35
N LEU A 92 3.79 -8.73 -6.44
CA LEU A 92 2.96 -9.18 -5.29
C LEU A 92 3.10 -10.68 -5.02
N LYS A 93 3.08 -11.45 -6.10
CA LYS A 93 3.32 -12.91 -6.02
CA LYS A 93 3.30 -12.91 -5.98
C LYS A 93 4.64 -13.22 -5.31
N GLU A 94 5.72 -12.57 -5.77
CA GLU A 94 7.03 -12.73 -5.14
C GLU A 94 6.98 -12.33 -3.67
N GLN A 95 6.35 -11.18 -3.37
CA GLN A 95 6.27 -10.75 -1.99
C GLN A 95 5.51 -11.73 -1.07
N GLU A 96 4.38 -12.22 -1.57
CA GLU A 96 3.59 -13.16 -0.80
C GLU A 96 4.40 -14.45 -0.57
N ASN A 97 5.06 -14.88 -1.63
CA ASN A 97 5.82 -16.13 -1.57
CA ASN A 97 5.84 -16.14 -1.58
C ASN A 97 6.95 -16.08 -0.55
N ARG A 98 7.58 -14.90 -0.43
CA ARG A 98 8.67 -14.72 0.55
C ARG A 98 8.21 -14.31 1.94
N LYS A 99 6.89 -14.28 2.16
CA LYS A 99 6.32 -13.90 3.44
C LYS A 99 6.71 -12.49 3.81
N GLY A 100 6.67 -11.63 2.82
CA GLY A 100 6.81 -10.18 3.06
C GLY A 100 5.46 -9.49 3.12
N LEU A 101 5.42 -8.39 3.89
CA LEU A 101 4.22 -7.58 4.08
C LEU A 101 3.72 -6.92 2.77
N ILE A 102 2.39 -6.97 2.60
CA ILE A 102 1.70 -6.26 1.52
C ILE A 102 0.63 -5.42 2.19
N ALA A 103 0.66 -4.13 1.87
CA ALA A 103 -0.24 -3.15 2.45
C ALA A 103 -1.03 -2.42 1.35
N ALA A 104 -2.35 -2.36 1.51
CA ALA A 104 -3.21 -1.74 0.51
C ALA A 104 -4.37 -1.00 1.15
N ILE A 105 -4.68 0.17 0.60
CA ILE A 105 -5.74 1.04 1.17
C ILE A 105 -6.77 1.49 0.14
N CYS A 106 -8.01 1.60 0.62
CA CYS A 106 -9.14 2.19 -0.08
C CYS A 106 -9.62 1.24 -1.19
N ALA A 107 -9.42 1.57 -2.47
CA ALA A 107 -9.65 0.58 -3.57
C ALA A 107 -8.41 -0.29 -3.85
N GLY A 108 -7.27 0.12 -3.31
CA GLY A 108 -6.03 -0.63 -3.44
C GLY A 108 -6.14 -2.15 -3.22
N PRO A 109 -6.89 -2.59 -2.19
CA PRO A 109 -6.97 -4.04 -1.96
C PRO A 109 -7.62 -4.80 -3.13
N THR A 110 -8.40 -4.15 -4.00
CA THR A 110 -8.99 -4.84 -5.15
C THR A 110 -7.90 -5.36 -6.12
N ALA A 111 -6.71 -4.75 -6.09
CA ALA A 111 -5.57 -5.28 -6.84
C ALA A 111 -5.11 -6.64 -6.32
N LEU A 112 -5.26 -6.86 -5.00
CA LEU A 112 -4.95 -8.17 -4.43
C LEU A 112 -5.89 -9.22 -5.01
N LEU A 113 -7.17 -8.87 -5.13
CA LEU A 113 -8.12 -9.79 -5.77
C LEU A 113 -7.72 -10.08 -7.21
N ALA A 114 -7.43 -9.03 -7.99
CA ALA A 114 -7.06 -9.16 -9.40
C ALA A 114 -5.87 -10.10 -9.58
N HIS A 115 -4.92 -10.03 -8.65
CA HIS A 115 -3.70 -10.81 -8.75
C HIS A 115 -3.71 -12.08 -7.90
N GLU A 116 -4.86 -12.42 -7.31
CA GLU A 116 -5.05 -13.64 -6.51
C GLU A 116 -4.10 -13.76 -5.32
N ILE A 117 -3.97 -12.63 -4.61
CA ILE A 117 -3.11 -12.52 -3.46
C ILE A 117 -3.87 -12.58 -2.14
N GLY A 118 -3.38 -13.40 -1.23
CA GLY A 118 -3.84 -13.41 0.16
C GLY A 118 -5.26 -13.96 0.31
N PHE A 119 -5.68 -14.81 -0.61
CA PHE A 119 -7.03 -15.38 -0.47
C PHE A 119 -7.23 -16.04 0.90
N GLY A 120 -8.42 -15.85 1.44
CA GLY A 120 -8.74 -16.31 2.78
C GLY A 120 -8.53 -15.27 3.84
N SER A 121 -7.81 -14.18 3.52
CA SER A 121 -7.56 -13.16 4.50
C SER A 121 -8.80 -12.38 4.87
N LYS A 122 -8.81 -11.90 6.11
CA LYS A 122 -9.72 -10.87 6.55
C LYS A 122 -9.16 -9.53 6.03
N VAL A 123 -10.01 -8.75 5.35
CA VAL A 123 -9.61 -7.52 4.71
C VAL A 123 -10.70 -6.46 4.89
N THR A 124 -10.27 -5.21 4.79
CA THR A 124 -11.18 -4.10 4.59
C THR A 124 -10.79 -3.33 3.32
N THR A 125 -11.71 -2.44 2.95
CA THR A 125 -11.59 -1.58 1.78
C THR A 125 -12.41 -0.33 2.05
N HIS A 126 -12.36 0.59 1.11
CA HIS A 126 -13.34 1.65 1.13
C HIS A 126 -14.73 1.01 1.05
N PRO A 127 -15.71 1.58 1.77
CA PRO A 127 -17.08 1.00 1.66
C PRO A 127 -17.58 0.79 0.23
N LEU A 128 -17.24 1.73 -0.67
CA LEU A 128 -17.68 1.65 -2.07
C LEU A 128 -16.98 0.55 -2.88
N ALA A 129 -15.85 0.06 -2.38
CA ALA A 129 -15.08 -1.00 -3.03
C ALA A 129 -15.40 -2.39 -2.50
N LYS A 130 -16.31 -2.48 -1.52
CA LYS A 130 -16.57 -3.76 -0.87
C LYS A 130 -17.05 -4.83 -1.87
N ASP A 131 -18.05 -4.48 -2.69
CA ASP A 131 -18.65 -5.45 -3.58
C ASP A 131 -17.62 -6.00 -4.58
N LYS A 132 -16.78 -5.10 -5.10
CA LYS A 132 -15.70 -5.50 -6.02
C LYS A 132 -14.75 -6.49 -5.32
N MET A 133 -14.30 -6.11 -4.12
CA MET A 133 -13.35 -6.94 -3.37
C MET A 133 -13.94 -8.33 -3.05
N MET A 134 -15.24 -8.36 -2.77
CA MET A 134 -15.91 -9.57 -2.27
C MET A 134 -16.48 -10.45 -3.36
N ASN A 135 -16.26 -10.08 -4.62
CA ASN A 135 -16.75 -10.86 -5.77
C ASN A 135 -16.12 -12.25 -5.76
N GLY A 136 -16.93 -13.27 -5.49
CA GLY A 136 -16.44 -14.65 -5.36
C GLY A 136 -16.21 -15.10 -3.93
N GLY A 137 -16.31 -14.20 -2.96
CA GLY A 137 -16.15 -14.56 -1.57
C GLY A 137 -14.77 -15.08 -1.16
N HIS A 138 -13.73 -14.58 -1.83
CA HIS A 138 -12.36 -15.05 -1.63
C HIS A 138 -11.65 -14.51 -0.37
N TYR A 139 -12.25 -13.48 0.21
CA TYR A 139 -11.82 -12.90 1.47
C TYR A 139 -12.97 -12.80 2.43
N THR A 140 -12.65 -12.54 3.68
CA THR A 140 -13.65 -12.21 4.66
C THR A 140 -13.58 -10.71 4.94
N TYR A 141 -14.76 -10.06 4.94
CA TYR A 141 -14.82 -8.60 5.05
C TYR A 141 -14.93 -8.05 6.48
N SER A 142 -14.20 -6.96 6.69
CA SER A 142 -14.10 -6.29 7.96
C SER A 142 -14.41 -4.79 7.78
N GLU A 143 -15.04 -4.19 8.78
CA GLU A 143 -15.25 -2.75 8.82
C GLU A 143 -14.26 -2.03 9.75
N ASN A 144 -13.24 -2.75 10.21
CA ASN A 144 -12.17 -2.10 10.99
C ASN A 144 -11.43 -1.10 10.11
N ARG A 145 -11.00 -0.01 10.73
CA ARG A 145 -10.33 1.06 10.02
C ARG A 145 -9.03 0.62 9.39
N VAL A 146 -8.31 -0.23 10.12
CA VAL A 146 -7.16 -0.98 9.62
C VAL A 146 -7.39 -2.45 10.01
N GLU A 147 -7.09 -3.35 9.08
CA GLU A 147 -7.20 -4.78 9.28
C GLU A 147 -5.83 -5.35 8.97
N LYS A 148 -5.20 -6.01 9.94
CA LYS A 148 -3.96 -6.72 9.65
C LYS A 148 -4.19 -8.21 9.90
N ASP A 149 -4.14 -8.98 8.82
CA ASP A 149 -4.26 -10.44 8.90
C ASP A 149 -2.97 -11.05 8.40
N GLY A 150 -2.08 -11.37 9.35
CA GLY A 150 -0.74 -11.84 9.00
C GLY A 150 -0.04 -10.78 8.18
N LEU A 151 0.36 -11.14 6.96
CA LEU A 151 1.14 -10.26 6.10
C LEU A 151 0.30 -9.52 5.05
N ILE A 152 -1.01 -9.50 5.26
CA ILE A 152 -1.92 -8.69 4.41
C ILE A 152 -2.55 -7.62 5.31
N LEU A 153 -2.22 -6.37 4.99
CA LEU A 153 -2.58 -5.24 5.81
C LEU A 153 -3.40 -4.31 4.95
N THR A 154 -4.66 -4.10 5.33
CA THR A 154 -5.56 -3.28 4.52
C THR A 154 -6.21 -2.16 5.35
N SER A 155 -6.72 -1.16 4.66
CA SER A 155 -7.37 -0.04 5.33
C SER A 155 -8.37 0.63 4.38
N ARG A 156 -9.12 1.60 4.90
CA ARG A 156 -10.37 2.02 4.24
C ARG A 156 -10.35 3.25 3.36
N GLY A 157 -9.60 4.30 3.72
CA GLY A 157 -9.76 5.55 2.97
C GLY A 157 -8.76 6.61 3.36
N PRO A 158 -8.88 7.81 2.76
CA PRO A 158 -7.95 8.87 3.10
C PRO A 158 -7.90 9.11 4.61
N GLY A 159 -9.07 9.11 5.24
CA GLY A 159 -9.21 9.34 6.68
C GLY A 159 -8.64 8.27 7.57
N THR A 160 -8.28 7.10 7.02
CA THR A 160 -7.59 6.06 7.81
C THR A 160 -6.11 5.96 7.42
N SER A 161 -5.61 6.86 6.56
CA SER A 161 -4.24 6.77 6.02
C SER A 161 -3.16 6.85 7.11
N PHE A 162 -3.37 7.71 8.12
CA PHE A 162 -2.40 7.78 9.22
C PHE A 162 -2.34 6.48 10.00
N GLU A 163 -3.52 5.93 10.32
CA GLU A 163 -3.59 4.66 11.04
C GLU A 163 -2.92 3.53 10.23
N PHE A 164 -3.20 3.51 8.93
CA PHE A 164 -2.63 2.53 7.98
C PHE A 164 -1.12 2.66 7.97
N ALA A 165 -0.64 3.89 7.82
CA ALA A 165 0.81 4.12 7.79
C ALA A 165 1.50 3.70 9.09
N LEU A 166 0.93 4.07 10.22
CA LEU A 166 1.46 3.70 11.51
C LEU A 166 1.41 2.20 11.79
N ALA A 167 0.40 1.51 11.24
CA ALA A 167 0.37 0.04 11.32
C ALA A 167 1.54 -0.58 10.55
N ILE A 168 1.86 -0.05 9.38
CA ILE A 168 3.03 -0.49 8.61
C ILE A 168 4.29 -0.26 9.46
N VAL A 169 4.38 0.95 10.02
CA VAL A 169 5.56 1.26 10.82
C VAL A 169 5.69 0.25 11.99
N GLU A 170 4.59 0.02 12.71
CA GLU A 170 4.61 -0.93 13.83
C GLU A 170 5.00 -2.33 13.38
N ALA A 171 4.51 -2.75 12.22
CA ALA A 171 4.82 -4.06 11.67
C ALA A 171 6.30 -4.24 11.37
N LEU A 172 6.93 -3.17 10.85
CA LEU A 172 8.31 -3.24 10.42
C LEU A 172 9.29 -2.87 11.53
N ASN A 173 8.98 -1.79 12.25
CA ASN A 173 9.92 -1.22 13.21
C ASN A 173 9.51 -1.31 14.67
N GLY A 174 8.32 -1.83 14.95
CA GLY A 174 7.84 -2.02 16.30
C GLY A 174 6.97 -0.91 16.86
N LYS A 175 6.29 -1.27 17.93
CA LYS A 175 5.34 -0.42 18.63
C LYS A 175 5.96 0.89 19.11
N GLU A 176 7.17 0.84 19.68
CA GLU A 176 7.82 2.04 20.26
CA GLU A 176 7.74 2.07 20.25
C GLU A 176 8.13 3.09 19.17
N VAL A 177 8.72 2.63 18.06
CA VAL A 177 8.99 3.53 16.96
C VAL A 177 7.69 4.12 16.41
N ALA A 178 6.67 3.30 16.25
CA ALA A 178 5.36 3.84 15.80
C ALA A 178 4.85 4.95 16.74
N ALA A 179 4.92 4.72 18.06
CA ALA A 179 4.46 5.71 19.03
C ALA A 179 5.28 6.98 18.98
N GLN A 180 6.61 6.83 18.80
CA GLN A 180 7.46 8.01 18.71
CA GLN A 180 7.51 7.97 18.68
C GLN A 180 7.19 8.82 17.44
N VAL A 181 6.93 8.14 16.32
CA VAL A 181 6.64 8.84 15.04
C VAL A 181 5.25 9.51 15.15
N LYS A 182 4.32 8.82 15.79
CA LYS A 182 2.96 9.37 15.95
C LYS A 182 2.86 10.69 16.72
N ALA A 183 3.61 10.82 17.82
CA ALA A 183 3.35 11.92 18.75
C ALA A 183 3.48 13.31 18.11
N PRO A 184 4.53 13.55 17.30
CA PRO A 184 4.61 14.88 16.68
C PRO A 184 3.57 15.19 15.60
N LEU A 185 2.80 14.20 15.16
CA LEU A 185 1.85 14.40 14.08
C LEU A 185 0.55 15.11 14.53
N VAL A 186 0.32 15.17 15.83
CA VAL A 186 -0.89 15.79 16.38
C VAL A 186 -2.14 15.06 15.89
N LEU A 187 -2.12 13.76 16.06
CA LEU A 187 -3.27 12.92 15.74
C LEU A 187 -4.21 12.85 16.93
N LYS A 188 -5.49 12.61 16.70
CA LYS A 188 -6.44 12.45 17.81
C LYS A 188 -6.25 11.04 18.36
O10 73F B . -9.99 4.22 -3.88
C8 73F B . -10.76 5.01 -3.35
C9 73F B . -10.43 5.86 -2.25
O11 73F B . -9.20 6.51 -2.40
C1 73F B . -11.56 6.70 -2.11
C2 73F B . -11.79 7.77 -1.32
C3 73F B . -13.02 8.42 -1.32
C4 73F B . -13.99 7.89 -2.16
C5 73F B . -13.74 6.78 -2.96
C6 73F B . -12.54 6.17 -2.91
N7 73F B . -12.06 5.13 -3.62
C12 73F B . -12.72 4.39 -4.74
C13 73F B . -13.76 3.49 -4.14
C14 73F B . -14.53 2.89 -5.21
C15 73F B . -14.22 1.63 -5.72
C16 73F B . -15.00 1.08 -6.76
C17 73F B . -16.09 1.78 -7.28
C18 73F B . -16.41 3.06 -6.78
C19 73F B . -15.63 3.60 -5.75
CL CL C . -10.97 7.83 -6.60
#